data_9U6Z
#
_entry.id   9U6Z
#
loop_
_entity.id
_entity.type
_entity.pdbx_description
1 polymer "DNA/RNA (5'-R(*GP*GP*AP*UP*GP*CP*UP*UP*UP*CP*GP*AP*GP*C)-D(P*C)-R(P*AP*UP*CP*C)-3')"
2 non-polymer 1-cyclopropyl-N-[3-(dimethylamino)propyl]-7-(4-ethylpiperazin-1-yl)-6-fluoranyl-4-oxidanylidene-quinoline-3-carboxamide
#
_entity_poly.entity_id   1
_entity_poly.type   'polydeoxyribonucleotide/polyribonucleotide hybrid'
_entity_poly.pdbx_seq_one_letter_code
;GGAUGCUUUCGAGC(DC)AUCC
;
_entity_poly.pdbx_strand_id   A
#